data_6GK3
#
_entry.id   6GK3
#
_entity_poly.entity_id   1
_entity_poly.type   'polypeptide(L)'
_entity_poly.pdbx_seq_one_letter_code
;FLNCYVSGFHPSDIEVDLLKNGERIEKVEHSDLSFSKDWSFYLLYYTEFTPTEKDEYACRVNHV
;
_entity_poly.pdbx_strand_id   A,B,C,D,E,F,G,H
#
# COMPACT_ATOMS: atom_id res chain seq x y z
N PHE A 1 29.24 39.53 -22.27
CA PHE A 1 29.24 38.11 -21.93
C PHE A 1 28.53 37.89 -20.61
N LEU A 2 28.71 36.70 -20.03
CA LEU A 2 28.20 36.33 -18.72
C LEU A 2 28.84 35.02 -18.29
N ASN A 3 29.24 34.94 -17.02
CA ASN A 3 29.94 33.78 -16.53
C ASN A 3 29.24 33.20 -15.32
N CYS A 4 29.30 31.88 -15.21
CA CYS A 4 28.71 31.07 -14.15
C CYS A 4 27.23 31.45 -13.92
N TYR A 5 26.47 31.18 -14.94
CA TYR A 5 25.06 31.55 -14.98
C TYR A 5 24.26 30.33 -14.63
N VAL A 6 23.24 30.51 -13.82
CA VAL A 6 22.22 29.49 -13.61
C VAL A 6 20.89 30.07 -14.02
N SER A 7 20.10 29.30 -14.76
CA SER A 7 18.67 29.54 -14.80
C SER A 7 18.03 28.42 -14.00
N GLY A 8 16.87 28.72 -13.41
CA GLY A 8 16.30 28.00 -12.29
C GLY A 8 16.13 26.48 -12.40
N PHE A 9 16.92 25.75 -11.62
CA PHE A 9 16.94 24.30 -11.70
C PHE A 9 16.19 23.74 -10.50
N HIS A 10 15.28 22.80 -10.76
CA HIS A 10 14.56 22.15 -9.69
C HIS A 10 15.24 20.84 -9.33
N PRO A 11 15.87 20.70 -8.17
CA PRO A 11 16.07 19.36 -7.60
C PRO A 11 14.87 18.91 -6.78
N SER A 12 14.59 17.61 -6.86
CA SER A 12 13.79 16.87 -5.88
C SER A 12 12.35 17.34 -5.79
N ASP A 13 11.83 17.96 -6.85
CA ASP A 13 10.50 18.54 -6.83
C ASP A 13 9.49 17.61 -7.48
N ILE A 14 8.22 17.96 -7.29
CA ILE A 14 7.14 17.48 -8.13
C ILE A 14 6.33 18.70 -8.56
N GLU A 15 6.12 18.86 -9.85
CA GLU A 15 5.36 19.97 -10.38
C GLU A 15 4.07 19.46 -11.00
N VAL A 16 2.98 20.17 -10.73
CA VAL A 16 1.68 19.83 -11.28
C VAL A 16 1.16 21.04 -12.03
N ASP A 17 0.74 20.83 -13.28
CA ASP A 17 0.29 21.91 -14.13
C ASP A 17 -1.06 21.55 -14.73
N LEU A 18 -1.99 22.50 -14.65
CA LEU A 18 -3.38 22.25 -14.99
C LEU A 18 -4.02 23.55 -15.46
N LEU A 19 -4.47 23.55 -16.72
CA LEU A 19 -5.11 24.71 -17.35
C LEU A 19 -4.23 25.94 -17.26
N LYS A 20 -2.99 25.78 -17.72
CA LYS A 20 -1.97 26.80 -17.48
C LYS A 20 -2.25 28.07 -18.28
N ASN A 21 -2.64 27.94 -19.55
CA ASN A 21 -2.64 29.10 -20.42
C ASN A 21 -3.97 29.84 -20.57
N GLY A 22 -5.01 29.50 -19.82
CA GLY A 22 -6.08 30.49 -19.75
C GLY A 22 -7.17 30.27 -20.76
N GLU A 23 -8.17 29.48 -20.37
CA GLU A 23 -9.16 29.00 -21.32
C GLU A 23 -10.11 30.13 -21.65
N ARG A 24 -10.63 30.11 -22.88
CA ARG A 24 -11.42 31.21 -23.42
C ARG A 24 -12.68 30.68 -24.06
N ILE A 25 -13.80 31.33 -23.76
CA ILE A 25 -15.09 31.02 -24.38
C ILE A 25 -15.55 32.27 -25.10
N GLU A 26 -15.92 32.13 -26.37
CA GLU A 26 -16.50 33.22 -27.15
C GLU A 26 -17.69 32.73 -27.97
N LYS A 27 -18.75 33.55 -28.01
CA LYS A 27 -19.88 33.42 -28.93
C LYS A 27 -20.55 32.05 -28.86
N VAL A 28 -21.14 31.72 -27.71
CA VAL A 28 -21.89 30.48 -27.60
C VAL A 28 -23.35 30.79 -27.28
N GLU A 29 -24.25 29.92 -27.74
CA GLU A 29 -25.67 30.11 -27.51
C GLU A 29 -26.31 28.81 -27.03
N HIS A 30 -27.20 28.93 -26.04
CA HIS A 30 -28.10 27.86 -25.57
C HIS A 30 -27.34 26.60 -25.18
N SER A 31 -26.28 26.78 -24.41
CA SER A 31 -25.34 25.70 -24.13
C SER A 31 -25.19 25.57 -22.61
N ASP A 32 -25.00 24.35 -22.15
CA ASP A 32 -24.32 24.12 -20.87
C ASP A 32 -22.99 23.41 -21.14
N LEU A 33 -21.92 24.12 -20.82
CA LEU A 33 -20.62 23.49 -20.76
C LEU A 33 -20.20 23.50 -19.30
N SER A 34 -19.65 22.38 -18.84
CA SER A 34 -19.04 22.33 -17.53
C SER A 34 -17.65 21.74 -17.70
N PHE A 35 -16.70 22.21 -16.91
CA PHE A 35 -15.39 21.59 -16.90
C PHE A 35 -15.45 20.27 -16.16
N SER A 36 -16.33 20.15 -15.18
CA SER A 36 -16.33 18.93 -14.39
C SER A 36 -17.74 18.63 -13.92
N LYS A 37 -18.17 17.39 -14.17
CA LYS A 37 -19.30 16.88 -13.41
C LYS A 37 -18.81 16.31 -12.08
N ASP A 38 -18.06 15.21 -12.13
CA ASP A 38 -17.27 14.82 -10.96
C ASP A 38 -15.79 14.88 -11.32
N TRP A 39 -15.05 15.72 -10.61
CA TRP A 39 -13.60 15.70 -10.66
C TRP A 39 -13.06 15.25 -9.31
N SER A 40 -12.02 14.41 -9.35
CA SER A 40 -11.26 14.03 -8.17
C SER A 40 -9.83 14.52 -8.34
N PHE A 41 -9.30 15.22 -7.33
CA PHE A 41 -7.87 15.48 -7.25
C PHE A 41 -7.41 15.11 -5.85
N TYR A 42 -6.29 14.38 -5.78
CA TYR A 42 -5.66 13.99 -4.49
C TYR A 42 -4.15 14.02 -4.69
N LEU A 43 -3.42 14.94 -4.07
CA LEU A 43 -1.99 14.99 -4.35
C LEU A 43 -1.24 13.94 -3.54
N LEU A 44 -1.42 13.91 -2.22
CA LEU A 44 -0.85 12.80 -1.45
C LEU A 44 -1.90 12.22 -0.52
N TYR A 45 -2.27 10.97 -0.75
CA TYR A 45 -3.31 10.30 0.08
C TYR A 45 -2.63 9.25 0.96
N TYR A 46 -2.77 9.40 2.26
CA TYR A 46 -2.16 8.42 3.18
C TYR A 46 -0.74 8.21 2.71
N THR A 47 0.14 9.17 2.92
CA THR A 47 1.48 8.97 2.37
C THR A 47 2.55 9.33 3.37
N GLU A 48 3.66 8.64 3.27
CA GLU A 48 4.90 9.01 3.92
C GLU A 48 5.93 9.43 2.89
N PHE A 49 6.56 10.58 3.11
CA PHE A 49 7.79 10.91 2.43
C PHE A 49 8.95 10.35 3.22
N THR A 50 10.08 10.22 2.55
CA THR A 50 11.39 9.98 3.11
C THR A 50 12.30 11.03 2.49
N PRO A 51 13.41 11.50 3.19
CA PRO A 51 14.19 12.65 2.73
C PRO A 51 14.65 12.71 1.28
N THR A 52 14.91 13.93 0.83
CA THR A 52 15.67 14.18 -0.38
C THR A 52 17.03 14.67 0.04
N GLU A 53 18.06 13.97 -0.40
CA GLU A 53 19.40 14.21 0.10
C GLU A 53 20.02 15.38 -0.64
N LYS A 54 21.19 15.78 -0.15
CA LYS A 54 21.70 17.13 -0.32
C LYS A 54 21.97 17.47 -1.78
N ASP A 55 21.66 18.71 -2.14
CA ASP A 55 21.68 19.15 -3.53
C ASP A 55 22.63 20.34 -3.59
N GLU A 56 23.77 20.16 -4.24
CA GLU A 56 24.85 21.11 -4.07
C GLU A 56 25.24 21.74 -5.39
N TYR A 57 25.69 22.97 -5.29
CA TYR A 57 26.25 23.71 -6.41
C TYR A 57 27.57 24.28 -5.92
N ALA A 58 28.64 24.10 -6.70
CA ALA A 58 29.88 24.82 -6.43
C ALA A 58 30.36 25.43 -7.73
N CYS A 59 30.52 26.75 -7.72
CA CYS A 59 31.14 27.45 -8.83
C CYS A 59 32.37 28.20 -8.34
N ARG A 60 33.41 28.23 -9.16
CA ARG A 60 34.47 29.19 -8.96
C ARG A 60 34.79 29.83 -10.30
N VAL A 61 34.89 31.15 -10.31
CA VAL A 61 35.37 31.90 -11.45
C VAL A 61 36.56 32.71 -11.00
N ASN A 62 37.69 32.56 -11.68
CA ASN A 62 38.84 33.40 -11.38
C ASN A 62 39.35 34.07 -12.65
N HIS A 63 39.77 35.32 -12.50
CA HIS A 63 40.57 36.08 -13.48
C HIS A 63 39.86 36.21 -14.82
N VAL A 64 38.77 36.96 -14.81
CA VAL A 64 38.10 37.33 -16.05
C VAL A 64 38.24 38.83 -16.30
N PHE B 1 29.97 36.31 -25.79
CA PHE B 1 29.99 34.90 -25.45
C PHE B 1 29.29 34.67 -24.14
N LEU B 2 29.48 33.49 -23.56
CA LEU B 2 29.00 33.12 -22.24
C LEU B 2 29.65 31.82 -21.81
N ASN B 3 30.06 31.74 -20.55
CA ASN B 3 30.78 30.58 -20.05
C ASN B 3 30.09 30.01 -18.83
N CYS B 4 30.18 28.68 -18.72
CA CYS B 4 29.60 27.88 -17.65
C CYS B 4 28.13 28.23 -17.41
N TYR B 5 27.35 27.96 -18.43
CA TYR B 5 25.94 28.32 -18.46
C TYR B 5 25.15 27.09 -18.10
N VAL B 6 24.13 27.26 -17.27
CA VAL B 6 23.13 26.23 -17.05
C VAL B 6 21.79 26.81 -17.45
N SER B 7 21.00 26.03 -18.18
CA SER B 7 19.57 26.24 -18.20
C SER B 7 18.94 25.12 -17.39
N GLY B 8 17.79 25.42 -16.80
CA GLY B 8 17.24 24.68 -15.67
C GLY B 8 17.09 23.18 -15.77
N PHE B 9 17.89 22.45 -15.01
CA PHE B 9 17.92 21.00 -15.08
C PHE B 9 17.19 20.43 -13.87
N HIS B 10 16.29 19.48 -14.11
CA HIS B 10 15.58 18.83 -13.03
C HIS B 10 16.28 17.53 -12.68
N PRO B 11 16.92 17.39 -11.52
CA PRO B 11 17.14 16.06 -10.95
C PRO B 11 15.96 15.60 -10.13
N SER B 12 15.68 14.29 -10.19
CA SER B 12 14.90 13.55 -9.20
C SER B 12 13.45 14.01 -9.11
N ASP B 13 12.92 14.62 -10.16
CA ASP B 13 11.58 15.18 -10.12
C ASP B 13 10.57 14.26 -10.76
N ILE B 14 9.31 14.59 -10.56
CA ILE B 14 8.22 14.10 -11.40
C ILE B 14 7.39 15.31 -11.81
N GLU B 15 7.17 15.46 -13.11
CA GLU B 15 6.40 16.57 -13.64
C GLU B 15 5.10 16.04 -14.24
N VAL B 16 4.00 16.74 -13.96
CA VAL B 16 2.70 16.39 -14.49
C VAL B 16 2.17 17.59 -15.25
N ASP B 17 1.74 17.38 -16.49
CA ASP B 17 1.26 18.44 -17.34
C ASP B 17 -0.09 18.07 -17.92
N LEU B 18 -1.02 19.01 -17.85
CA LEU B 18 -2.42 18.75 -18.16
C LEU B 18 -3.07 20.04 -18.63
N LEU B 19 -3.53 20.05 -19.88
CA LEU B 19 -4.20 21.19 -20.51
C LEU B 19 -3.31 22.42 -20.43
N LYS B 20 -2.08 22.28 -20.90
CA LYS B 20 -1.07 23.31 -20.68
C LYS B 20 -1.37 24.57 -21.49
N ASN B 21 -1.78 24.44 -22.74
CA ASN B 21 -1.79 25.60 -23.61
C ASN B 21 -3.13 26.32 -23.75
N GLY B 22 -4.16 25.98 -22.99
CA GLY B 22 -5.23 26.95 -22.91
C GLY B 22 -6.34 26.72 -23.91
N GLU B 23 -7.32 25.92 -23.51
CA GLU B 23 -8.31 25.43 -24.44
C GLU B 23 -9.29 26.55 -24.78
N ARG B 24 -9.82 26.52 -25.99
CA ARG B 24 -10.62 27.61 -26.53
C ARG B 24 -11.89 27.06 -27.16
N ILE B 25 -13.01 27.71 -26.85
CA ILE B 25 -14.29 27.39 -27.45
C ILE B 25 -14.79 28.63 -28.18
N GLU B 26 -15.16 28.48 -29.45
CA GLU B 26 -15.75 29.56 -30.21
C GLU B 26 -16.94 29.06 -31.03
N LYS B 27 -18.01 29.87 -31.06
CA LYS B 27 -19.16 29.72 -31.97
C LYS B 27 -19.82 28.35 -31.89
N VAL B 28 -20.40 28.02 -30.73
CA VAL B 28 -21.12 26.77 -30.62
C VAL B 28 -22.58 27.06 -30.27
N GLU B 29 -23.48 26.19 -30.72
CA GLU B 29 -24.90 26.37 -30.48
C GLU B 29 -25.51 25.06 -29.99
N HIS B 30 -26.41 25.18 -29.00
CA HIS B 30 -27.28 24.10 -28.50
C HIS B 30 -26.51 22.85 -28.12
N SER B 31 -25.44 23.03 -27.37
CA SER B 31 -24.49 21.97 -27.09
C SER B 31 -24.32 21.84 -25.58
N ASP B 32 -24.12 20.62 -25.11
CA ASP B 32 -23.43 20.41 -23.84
C ASP B 32 -22.10 19.71 -24.12
N LEU B 33 -21.04 20.43 -23.82
CA LEU B 33 -19.72 19.81 -23.76
C LEU B 33 -19.27 19.82 -22.31
N SER B 34 -18.72 18.72 -21.85
CA SER B 34 -18.09 18.68 -20.55
C SER B 34 -16.70 18.10 -20.73
N PHE B 35 -15.75 18.59 -19.95
CA PHE B 35 -14.44 17.98 -19.95
C PHE B 35 -14.47 16.64 -19.21
N SER B 36 -15.34 16.53 -18.22
CA SER B 36 -15.33 15.31 -17.42
C SER B 36 -16.73 14.98 -16.95
N LYS B 37 -17.15 13.75 -17.18
CA LYS B 37 -18.26 13.23 -16.41
C LYS B 37 -17.77 12.67 -15.09
N ASP B 38 -16.99 11.59 -15.14
CA ASP B 38 -16.19 11.19 -13.98
C ASP B 38 -14.72 11.27 -14.35
N TRP B 39 -13.97 12.13 -13.64
CA TRP B 39 -12.53 12.11 -13.71
C TRP B 39 -11.96 11.67 -12.37
N SER B 40 -10.93 10.84 -12.42
CA SER B 40 -10.15 10.48 -11.25
C SER B 40 -8.72 10.98 -11.43
N PHE B 41 -8.19 11.68 -10.44
CA PHE B 41 -6.76 11.96 -10.37
C PHE B 41 -6.28 11.59 -8.97
N TYR B 42 -5.16 10.88 -8.91
CA TYR B 42 -4.51 10.50 -7.62
C TYR B 42 -3.00 10.54 -7.84
N LEU B 43 -2.27 11.47 -7.23
CA LEU B 43 -0.85 11.53 -7.52
C LEU B 43 -0.07 10.49 -6.70
N LEU B 44 -0.24 10.46 -5.39
CA LEU B 44 0.35 9.35 -4.62
C LEU B 44 -0.69 8.78 -3.68
N TYR B 45 -1.07 7.53 -3.91
CA TYR B 45 -2.09 6.85 -3.09
C TYR B 45 -1.40 5.81 -2.20
N TYR B 46 -1.51 5.95 -0.89
CA TYR B 46 -0.89 4.97 0.03
C TYR B 46 0.54 4.78 -0.46
N THR B 47 1.42 5.76 -0.26
CA THR B 47 2.74 5.56 -0.83
C THR B 47 3.81 5.94 0.17
N GLU B 48 4.93 5.25 0.06
CA GLU B 48 6.17 5.64 0.70
C GLU B 48 7.20 6.07 -0.34
N PHE B 49 7.81 7.22 -0.13
CA PHE B 49 9.04 7.56 -0.83
C PHE B 49 10.21 7.01 -0.05
N THR B 50 11.33 6.88 -0.73
CA THR B 50 12.65 6.66 -0.18
C THR B 50 13.54 7.73 -0.81
N PRO B 51 14.66 8.20 -0.12
CA PRO B 51 15.41 9.36 -0.60
C PRO B 51 15.87 9.42 -2.05
N THR B 52 16.10 10.63 -2.50
CA THR B 52 16.85 10.89 -3.73
C THR B 52 18.22 11.40 -3.32
N GLU B 53 19.25 10.71 -3.76
CA GLU B 53 20.59 10.97 -3.27
C GLU B 53 21.20 12.14 -4.02
N LYS B 54 22.37 12.55 -3.54
CA LYS B 54 22.87 13.91 -3.73
C LYS B 54 23.10 14.24 -5.19
N ASP B 55 22.78 15.48 -5.56
CA ASP B 55 22.79 15.92 -6.95
C ASP B 55 23.72 17.11 -7.02
N GLU B 56 24.85 16.95 -7.68
CA GLU B 56 25.94 17.89 -7.52
C GLU B 56 26.30 18.53 -8.84
N TYR B 57 26.75 19.76 -8.76
CA TYR B 57 27.28 20.51 -9.87
C TYR B 57 28.61 21.09 -9.40
N ALA B 58 29.66 20.93 -10.19
CA ALA B 58 30.90 21.65 -9.94
C ALA B 58 31.37 22.28 -11.23
N CYS B 59 31.51 23.59 -11.24
CA CYS B 59 32.12 24.29 -12.35
C CYS B 59 33.34 25.05 -11.89
N ARG B 60 34.37 25.09 -12.71
CA ARG B 60 35.43 26.06 -12.52
C ARG B 60 35.72 26.70 -13.87
N VAL B 61 35.81 28.02 -13.88
CA VAL B 61 36.28 28.78 -15.04
C VAL B 61 37.47 29.61 -14.59
N ASN B 62 38.58 29.46 -15.29
CA ASN B 62 39.73 30.30 -15.00
C ASN B 62 40.23 30.97 -16.28
N HIS B 63 40.63 32.24 -16.13
CA HIS B 63 41.41 33.00 -17.11
C HIS B 63 40.69 33.11 -18.45
N VAL B 64 39.59 33.85 -18.44
CA VAL B 64 38.92 34.22 -19.67
C VAL B 64 39.04 35.72 -19.93
N PHE C 1 30.73 33.08 -29.30
CA PHE C 1 30.75 31.66 -28.96
C PHE C 1 30.08 31.44 -27.63
N LEU C 2 30.28 30.26 -27.06
CA LEU C 2 29.80 29.88 -25.72
C LEU C 2 30.49 28.59 -25.31
N ASN C 3 30.90 28.52 -24.04
CA ASN C 3 31.63 27.37 -23.56
C ASN C 3 30.97 26.79 -22.32
N CYS C 4 31.05 25.47 -22.22
CA CYS C 4 30.49 24.66 -21.14
C CYS C 4 29.02 25.01 -20.89
N TYR C 5 28.23 24.72 -21.90
CA TYR C 5 26.82 25.06 -21.91
C TYR C 5 26.05 23.83 -21.53
N VAL C 6 25.04 24.00 -20.70
CA VAL C 6 24.05 22.96 -20.48
C VAL C 6 22.69 23.51 -20.86
N SER C 7 21.91 22.74 -21.58
CA SER C 7 20.48 22.93 -21.59
C SER C 7 19.87 21.81 -20.77
N GLY C 8 18.72 22.10 -20.17
CA GLY C 8 18.19 21.36 -19.03
C GLY C 8 18.05 19.86 -19.13
N PHE C 9 18.86 19.13 -18.37
CA PHE C 9 18.90 17.69 -18.44
C PHE C 9 18.19 17.12 -17.23
N HIS C 10 17.30 16.16 -17.46
CA HIS C 10 16.60 15.49 -16.37
C HIS C 10 17.32 14.20 -16.02
N PRO C 11 17.98 14.08 -14.86
CA PRO C 11 18.20 12.75 -14.30
C PRO C 11 17.04 12.28 -13.45
N SER C 12 16.77 10.97 -13.52
CA SER C 12 16.01 10.22 -12.53
C SER C 12 14.55 10.67 -12.42
N ASP C 13 14.00 11.27 -13.46
CA ASP C 13 12.67 11.83 -13.42
C ASP C 13 11.65 10.89 -14.05
N ILE C 14 10.39 11.21 -13.83
CA ILE C 14 9.29 10.71 -14.66
C ILE C 14 8.46 11.91 -15.06
N GLU C 15 8.22 12.05 -16.36
CA GLU C 15 7.43 13.15 -16.88
C GLU C 15 6.14 12.61 -17.47
N VAL C 16 5.03 13.30 -17.18
CA VAL C 16 3.73 12.94 -17.70
C VAL C 16 3.18 14.14 -18.46
N ASP C 17 2.74 13.91 -19.69
CA ASP C 17 2.25 14.98 -20.54
C ASP C 17 0.90 14.59 -21.10
N LEU C 18 -0.05 15.52 -21.03
CA LEU C 18 -1.44 15.24 -21.33
C LEU C 18 -2.11 16.53 -21.79
N LEU C 19 -2.58 16.52 -23.04
CA LEU C 19 -3.27 17.66 -23.67
C LEU C 19 -2.39 18.91 -23.60
N LYS C 20 -1.16 18.77 -24.08
CA LYS C 20 -0.16 19.82 -23.87
C LYS C 20 -0.47 21.07 -24.68
N ASN C 21 -0.89 20.93 -25.93
CA ASN C 21 -0.93 22.08 -26.81
C ASN C 21 -2.26 22.80 -26.93
N GLY C 22 -3.30 22.44 -26.16
CA GLY C 22 -4.37 23.41 -26.08
C GLY C 22 -5.49 23.17 -27.07
N GLU C 23 -6.45 22.36 -26.65
CA GLU C 23 -7.45 21.86 -27.58
C GLU C 23 -8.45 22.98 -27.90
N ARG C 24 -8.99 22.93 -29.11
CA ARG C 24 -9.79 24.01 -29.64
C ARG C 24 -11.06 23.46 -30.25
N ILE C 25 -12.19 24.09 -29.94
CA ILE C 25 -13.47 23.75 -30.53
C ILE C 25 -13.99 24.99 -31.25
N GLU C 26 -14.37 24.83 -32.51
CA GLU C 26 -14.98 25.92 -33.28
C GLU C 26 -16.17 25.40 -34.08
N LYS C 27 -17.25 26.20 -34.11
CA LYS C 27 -18.39 26.04 -35.01
C LYS C 27 -19.04 24.66 -34.92
N VAL C 28 -19.61 24.33 -33.75
CA VAL C 28 -20.33 23.07 -33.63
C VAL C 28 -21.78 23.35 -33.28
N GLU C 29 -22.68 22.47 -33.72
CA GLU C 29 -24.11 22.63 -33.46
C GLU C 29 -24.70 21.32 -32.96
N HIS C 30 -25.58 21.44 -31.95
CA HIS C 30 -26.45 20.35 -31.46
C HIS C 30 -25.66 19.11 -31.08
N SER C 31 -24.59 19.30 -30.33
CA SER C 31 -23.62 18.25 -30.06
C SER C 31 -23.44 18.13 -28.56
N ASP C 32 -23.22 16.91 -28.08
CA ASP C 32 -22.51 16.71 -26.83
C ASP C 32 -21.19 16.02 -27.12
N LEU C 33 -20.12 16.74 -26.82
CA LEU C 33 -18.80 16.14 -26.78
C LEU C 33 -18.35 16.16 -25.32
N SER C 34 -17.78 15.06 -24.87
CA SER C 34 -17.13 15.03 -23.57
C SER C 34 -15.74 14.47 -23.77
N PHE C 35 -14.79 14.96 -23.00
CA PHE C 35 -13.47 14.36 -23.01
C PHE C 35 -13.48 13.04 -22.27
N SER C 36 -14.34 12.91 -21.26
CA SER C 36 -14.31 11.70 -20.46
C SER C 36 -15.70 11.36 -19.97
N LYS C 37 -16.12 10.13 -20.21
CA LYS C 37 -17.22 9.59 -19.42
C LYS C 37 -16.70 9.04 -18.11
N ASP C 38 -15.92 7.96 -18.16
CA ASP C 38 -15.11 7.58 -17.00
C ASP C 38 -13.64 7.67 -17.39
N TRP C 39 -12.90 8.53 -16.69
CA TRP C 39 -11.44 8.53 -16.77
C TRP C 39 -10.87 8.10 -15.44
N SER C 40 -9.83 7.27 -15.50
CA SER C 40 -9.03 6.92 -14.33
C SER C 40 -7.61 7.43 -14.51
N PHE C 41 -7.08 8.16 -13.53
CA PHE C 41 -5.65 8.43 -13.48
C PHE C 41 -5.16 8.08 -12.10
N TYR C 42 -4.03 7.38 -12.04
CA TYR C 42 -3.37 7.00 -10.75
C TYR C 42 -1.86 7.06 -10.99
N LEU C 43 -1.13 7.99 -10.38
CA LEU C 43 0.28 8.07 -10.68
C LEU C 43 1.08 7.04 -9.88
N LEU C 44 0.92 7.00 -8.56
CA LEU C 44 1.52 5.91 -7.80
C LEU C 44 0.50 5.32 -6.84
N TYR C 45 0.14 4.08 -7.08
CA TYR C 45 -0.87 3.39 -6.23
C TYR C 45 -0.16 2.35 -5.35
N TYR C 46 -0.26 2.50 -4.04
CA TYR C 46 0.38 1.53 -3.12
C TYR C 46 1.80 1.35 -3.63
N THR C 47 2.67 2.33 -3.43
CA THR C 47 3.99 2.14 -4.00
C THR C 47 5.08 2.53 -3.02
N GLU C 48 6.20 1.85 -3.15
CA GLU C 48 7.44 2.26 -2.53
C GLU C 48 8.46 2.69 -3.58
N PHE C 49 9.06 3.85 -3.37
CA PHE C 49 10.27 4.20 -4.08
C PHE C 49 11.46 3.66 -3.31
N THR C 50 12.58 3.55 -4.00
CA THR C 50 13.90 3.33 -3.46
C THR C 50 14.78 4.40 -4.10
N PRO C 51 15.88 4.89 -3.43
CA PRO C 51 16.64 6.06 -3.92
C PRO C 51 17.08 6.11 -5.36
N THR C 52 17.30 7.34 -5.83
CA THR C 52 18.03 7.59 -7.06
C THR C 52 19.40 8.11 -6.65
N GLU C 53 20.43 7.43 -7.11
CA GLU C 53 21.77 7.69 -6.63
C GLU C 53 22.36 8.87 -7.39
N LYS C 54 23.52 9.31 -6.92
CA LYS C 54 24.02 10.66 -7.12
C LYS C 54 24.23 10.99 -8.58
N ASP C 55 23.90 12.23 -8.95
CA ASP C 55 23.90 12.66 -10.34
C ASP C 55 24.81 13.87 -10.42
N GLU C 56 25.94 13.71 -11.09
CA GLU C 56 27.01 14.66 -10.95
C GLU C 56 27.35 15.30 -12.29
N TYR C 57 27.80 16.54 -12.19
CA TYR C 57 28.32 17.28 -13.33
C TYR C 57 29.64 17.89 -12.86
N ALA C 58 30.69 17.73 -13.66
CA ALA C 58 31.92 18.46 -13.42
C ALA C 58 32.38 19.08 -14.72
N CYS C 59 32.51 20.40 -14.73
CA CYS C 59 33.09 21.10 -15.86
C CYS C 59 34.31 21.88 -15.39
N ARG C 60 35.34 21.92 -16.23
CA ARG C 60 36.39 22.91 -16.06
C ARG C 60 36.66 23.55 -17.40
N VAL C 61 36.75 24.87 -17.43
CA VAL C 61 37.19 25.63 -18.59
C VAL C 61 38.38 26.46 -18.15
N ASN C 62 39.49 26.33 -18.86
CA ASN C 62 40.63 27.18 -18.59
C ASN C 62 41.11 27.85 -19.86
N HIS C 63 41.50 29.12 -19.73
CA HIS C 63 42.27 29.88 -20.71
C HIS C 63 41.53 29.99 -22.06
N VAL C 64 40.43 30.72 -22.02
CA VAL C 64 39.74 31.08 -23.26
C VAL C 64 39.85 32.58 -23.52
N PHE D 1 31.47 29.76 -32.74
CA PHE D 1 31.52 28.36 -32.40
C PHE D 1 30.85 28.13 -31.07
N LEU D 2 31.07 26.95 -30.48
CA LEU D 2 30.61 26.57 -29.14
C LEU D 2 31.30 25.29 -28.74
N ASN D 3 31.73 25.22 -27.48
CA ASN D 3 32.48 24.08 -26.99
C ASN D 3 31.82 23.50 -25.76
N CYS D 4 31.92 22.17 -25.64
CA CYS D 4 31.38 21.36 -24.55
C CYS D 4 29.91 21.70 -24.30
N TYR D 5 29.11 21.40 -25.30
CA TYR D 5 27.71 21.74 -25.30
C TYR D 5 26.94 20.50 -24.92
N VAL D 6 25.94 20.66 -24.08
CA VAL D 6 24.96 19.61 -23.83
C VAL D 6 23.59 20.16 -24.21
N SER D 7 22.82 19.37 -24.92
CA SER D 7 21.38 19.55 -24.92
C SER D 7 20.78 18.43 -24.09
N GLY D 8 19.63 18.71 -23.48
CA GLY D 8 19.12 17.97 -22.34
C GLY D 8 18.98 16.47 -22.43
N PHE D 9 19.82 15.76 -21.68
CA PHE D 9 19.87 14.30 -21.74
C PHE D 9 19.17 13.73 -20.52
N HIS D 10 18.28 12.77 -20.75
CA HIS D 10 17.61 12.10 -19.65
C HIS D 10 18.33 10.81 -19.30
N PRO D 11 19.00 10.70 -18.15
CA PRO D 11 19.25 9.37 -17.58
C PRO D 11 18.09 8.89 -16.73
N SER D 12 17.84 7.59 -16.79
CA SER D 12 17.08 6.83 -15.78
C SER D 12 15.63 7.27 -15.67
N ASP D 13 15.07 7.87 -16.71
CA ASP D 13 13.73 8.41 -16.65
C ASP D 13 12.72 7.46 -17.27
N ILE D 14 11.44 7.77 -17.05
CA ILE D 14 10.35 7.26 -17.86
C ILE D 14 9.50 8.45 -18.26
N GLU D 15 9.25 8.59 -19.56
CA GLU D 15 8.46 9.68 -20.08
C GLU D 15 7.16 9.13 -20.64
N VAL D 16 6.06 9.81 -20.36
CA VAL D 16 4.75 9.43 -20.86
C VAL D 16 4.18 10.63 -21.62
N ASP D 17 3.74 10.39 -22.85
CA ASP D 17 3.22 11.46 -23.69
C ASP D 17 1.87 11.06 -24.24
N LEU D 18 0.92 11.98 -24.16
CA LEU D 18 -0.48 11.70 -24.45
C LEU D 18 -1.16 12.97 -24.90
N LEU D 19 -1.65 12.96 -26.15
CA LEU D 19 -2.34 14.09 -26.77
C LEU D 19 -1.48 15.35 -26.72
N LYS D 20 -0.25 15.21 -27.21
CA LYS D 20 0.74 16.27 -27.01
C LYS D 20 0.41 17.53 -27.81
N ASN D 21 -0.02 17.38 -29.06
CA ASN D 21 -0.06 18.53 -29.94
C ASN D 21 -1.41 19.23 -30.05
N GLY D 22 -2.43 18.87 -29.28
CA GLY D 22 -3.52 19.83 -29.19
C GLY D 22 -4.64 19.57 -30.16
N GLU D 23 -5.60 18.75 -29.73
CA GLU D 23 -6.60 18.24 -30.66
C GLU D 23 -7.60 19.35 -30.97
N ARG D 24 -8.15 19.29 -32.18
CA ARG D 24 -8.97 20.37 -32.71
C ARG D 24 -10.24 19.80 -33.31
N ILE D 25 -11.37 20.43 -32.99
CA ILE D 25 -12.66 20.08 -33.56
C ILE D 25 -13.19 21.32 -34.28
N GLU D 26 -13.59 21.15 -35.55
CA GLU D 26 -14.21 22.23 -36.31
C GLU D 26 -15.41 21.70 -37.10
N LYS D 27 -16.48 22.49 -37.11
CA LYS D 27 -17.64 22.32 -38.01
C LYS D 27 -18.28 20.94 -37.89
N VAL D 28 -18.83 20.60 -36.73
CA VAL D 28 -19.54 19.34 -36.60
C VAL D 28 -20.99 19.61 -36.24
N GLU D 29 -21.89 18.73 -36.66
CA GLU D 29 -23.31 18.88 -36.39
C GLU D 29 -23.89 17.56 -35.88
N HIS D 30 -24.76 17.66 -34.87
CA HIS D 30 -25.62 16.58 -34.36
C HIS D 30 -24.82 15.34 -33.99
N SER D 31 -23.74 15.55 -33.25
CA SER D 31 -22.76 14.50 -32.99
C SER D 31 -22.56 14.38 -31.49
N ASP D 32 -22.33 13.17 -31.01
CA ASP D 32 -21.61 12.97 -29.76
C ASP D 32 -20.28 12.29 -30.06
N LEU D 33 -19.21 13.03 -29.78
CA LEU D 33 -17.90 12.43 -29.74
C LEU D 33 -17.43 12.46 -28.30
N SER D 34 -16.84 11.38 -27.85
CA SER D 34 -16.19 11.35 -26.56
C SER D 34 -14.80 10.79 -26.76
N PHE D 35 -13.83 11.30 -26.00
CA PHE D 35 -12.51 10.71 -26.01
C PHE D 35 -12.51 9.39 -25.27
N SER D 36 -13.35 9.25 -24.26
CA SER D 36 -13.31 8.04 -23.46
C SER D 36 -14.70 7.70 -22.96
N LYS D 37 -15.11 6.45 -23.19
CA LYS D 37 -16.20 5.92 -22.39
C LYS D 37 -15.66 5.37 -21.08
N ASP D 38 -14.87 4.29 -21.13
CA ASP D 38 -14.04 3.94 -19.99
C ASP D 38 -12.58 4.03 -20.38
N TRP D 39 -11.84 4.90 -19.70
CA TRP D 39 -10.39 4.91 -19.79
C TRP D 39 -9.80 4.49 -18.46
N SER D 40 -8.75 3.67 -18.52
CA SER D 40 -7.94 3.32 -17.36
C SER D 40 -6.53 3.85 -17.56
N PHE D 41 -5.99 4.57 -16.59
CA PHE D 41 -4.56 4.86 -16.54
C PHE D 41 -4.05 4.52 -15.16
N TYR D 42 -2.92 3.83 -15.11
CA TYR D 42 -2.24 3.46 -13.83
C TYR D 42 -0.73 3.53 -14.09
N LEU D 43 -0.02 4.47 -13.49
CA LEU D 43 1.41 4.55 -13.80
C LEU D 43 2.21 3.53 -13.00
N LEU D 44 2.06 3.50 -11.68
CA LEU D 44 2.68 2.42 -10.93
C LEU D 44 1.68 1.82 -9.95
N TYR D 45 1.31 0.56 -10.18
CA TYR D 45 0.33 -0.13 -9.33
C TYR D 45 1.04 -1.15 -8.45
N TYR D 46 0.96 -1.00 -7.14
CA TYR D 46 1.61 -1.96 -6.22
C TYR D 46 3.03 -2.13 -6.75
N THR D 47 3.90 -1.15 -6.56
CA THR D 47 5.21 -1.32 -7.15
C THR D 47 6.30 -0.92 -6.18
N GLU D 48 7.43 -1.59 -6.31
CA GLU D 48 8.67 -1.17 -5.69
C GLU D 48 9.67 -0.74 -6.75
N PHE D 49 10.27 0.43 -6.56
CA PHE D 49 11.47 0.78 -7.27
C PHE D 49 12.67 0.26 -6.51
N THR D 50 13.78 0.15 -7.22
CA THR D 50 15.12 -0.05 -6.69
C THR D 50 15.97 1.02 -7.34
N PRO D 51 17.09 1.51 -6.67
CA PRO D 51 17.83 2.69 -7.17
C PRO D 51 18.26 2.75 -8.63
N THR D 52 18.47 3.97 -9.09
CA THR D 52 19.18 4.23 -10.33
C THR D 52 20.55 4.76 -9.94
N GLU D 53 21.58 4.09 -10.40
CA GLU D 53 22.92 4.36 -9.94
C GLU D 53 23.50 5.54 -10.72
N LYS D 54 24.66 5.99 -10.25
CA LYS D 54 25.14 7.35 -10.45
C LYS D 54 25.35 7.68 -11.92
N ASP D 55 25.00 8.90 -12.29
CA ASP D 55 24.97 9.34 -13.68
C ASP D 55 25.88 10.55 -13.77
N GLU D 56 27.00 10.41 -14.45
CA GLU D 56 28.07 11.37 -14.32
C GLU D 56 28.40 12.01 -15.65
N TYR D 57 28.83 13.25 -15.58
CA TYR D 57 29.34 13.99 -16.71
C TYR D 57 30.65 14.61 -16.27
N ALA D 58 31.70 14.45 -17.06
CA ALA D 58 32.92 15.19 -16.84
C ALA D 58 33.37 15.82 -18.15
N CYS D 59 33.49 17.13 -18.16
CA CYS D 59 34.05 17.85 -19.29
C CYS D 59 35.28 18.63 -18.84
N ARG D 60 36.28 18.68 -19.69
CA ARG D 60 37.34 19.67 -19.52
C ARG D 60 37.59 20.31 -20.88
N VAL D 61 37.66 21.63 -20.90
CA VAL D 61 38.09 22.39 -22.07
C VAL D 61 39.28 23.24 -21.65
N ASN D 62 40.39 23.11 -22.37
CA ASN D 62 41.53 23.97 -22.10
C ASN D 62 41.98 24.64 -23.38
N HIS D 63 42.36 25.92 -23.25
CA HIS D 63 43.11 26.68 -24.25
C HIS D 63 42.36 26.78 -25.58
N VAL D 64 41.25 27.51 -25.54
CA VAL D 64 40.56 27.85 -26.77
C VAL D 64 40.65 29.36 -27.03
N PHE E 1 -32.29 -31.25 29.89
CA PHE E 1 -31.88 -30.94 28.53
C PHE E 1 -31.64 -29.46 28.39
N LEU E 2 -31.54 -29.00 27.14
CA LEU E 2 -31.42 -27.59 26.78
C LEU E 2 -31.63 -27.43 25.29
N ASN E 3 -32.38 -26.40 24.90
CA ASN E 3 -32.72 -26.20 23.50
C ASN E 3 -32.32 -24.82 23.05
N CYS E 4 -31.92 -24.75 21.78
CA CYS E 4 -31.47 -23.54 21.08
C CYS E 4 -30.41 -22.79 21.90
N TYR E 5 -29.29 -23.46 22.06
CA TYR E 5 -28.21 -22.99 22.89
C TYR E 5 -27.17 -22.36 21.97
N VAL E 6 -26.63 -21.23 22.39
CA VAL E 6 -25.46 -20.67 21.76
C VAL E 6 -24.37 -20.55 22.81
N SER E 7 -23.17 -20.96 22.47
CA SER E 7 -22.00 -20.47 23.17
C SER E 7 -21.30 -19.49 22.24
N GLY E 8 -20.61 -18.52 22.84
CA GLY E 8 -20.24 -17.27 22.20
C GLY E 8 -19.49 -17.31 20.88
N PHE E 9 -20.18 -16.90 19.81
CA PHE E 9 -19.63 -16.97 18.46
C PHE E 9 -19.18 -15.59 18.03
N HIS E 10 -17.96 -15.50 17.51
CA HIS E 10 -17.46 -14.24 16.99
C HIS E 10 -17.69 -14.17 15.50
N PRO E 11 -18.58 -13.31 14.98
CA PRO E 11 -18.44 -12.87 13.60
C PRO E 11 -17.52 -11.67 13.47
N SER E 12 -16.77 -11.64 12.37
CA SER E 12 -16.14 -10.44 11.82
C SER E 12 -15.09 -9.82 12.74
N ASP E 13 -14.52 -10.61 13.64
CA ASP E 13 -13.59 -10.10 14.63
C ASP E 13 -12.15 -10.34 14.21
N ILE E 14 -11.25 -9.70 14.94
CA ILE E 14 -9.84 -10.09 14.98
C ILE E 14 -9.46 -10.17 16.44
N GLU E 15 -8.89 -11.30 16.84
CA GLU E 15 -8.46 -11.51 18.21
C GLU E 15 -6.95 -11.60 18.27
N VAL E 16 -6.35 -10.96 19.25
CA VAL E 16 -4.91 -10.99 19.46
C VAL E 16 -4.66 -11.50 20.87
N ASP E 17 -3.80 -12.51 20.99
CA ASP E 17 -3.51 -13.12 22.27
C ASP E 17 -2.01 -13.18 22.48
N LEU E 18 -1.57 -12.77 23.66
CA LEU E 18 -0.17 -12.56 23.96
C LEU E 18 0.06 -12.77 25.45
N LEU E 19 0.87 -13.77 25.78
CA LEU E 19 1.23 -14.11 27.16
C LEU E 19 -0.03 -14.35 27.99
N LYS E 20 -0.89 -15.23 27.49
CA LYS E 20 -2.22 -15.38 28.06
C LYS E 20 -2.18 -16.03 29.44
N ASN E 21 -1.36 -17.05 29.64
CA ASN E 21 -1.49 -17.86 30.84
C ASN E 21 -0.57 -17.51 31.99
N GLY E 22 0.21 -16.43 31.93
CA GLY E 22 0.74 -15.97 33.20
C GLY E 22 2.11 -16.51 33.52
N GLU E 23 3.13 -15.77 33.06
CA GLU E 23 4.49 -16.30 33.10
C GLU E 23 5.02 -16.24 34.52
N ARG E 24 5.89 -17.19 34.84
CA ARG E 24 6.34 -17.41 36.20
C ARG E 24 7.86 -17.54 36.23
N ILE E 25 8.48 -16.85 37.18
CA ILE E 25 9.91 -16.95 37.41
C ILE E 25 10.11 -17.45 38.84
N GLU E 26 10.91 -18.50 39.00
CA GLU E 26 11.26 -19.00 40.33
C GLU E 26 12.75 -19.33 40.40
N LYS E 27 13.37 -18.97 41.53
CA LYS E 27 14.72 -19.42 41.92
C LYS E 27 15.79 -19.11 40.86
N VAL E 28 16.03 -17.82 40.60
CA VAL E 28 17.10 -17.45 39.68
C VAL E 28 18.13 -16.62 40.42
N GLU E 29 19.39 -16.71 39.99
CA GLU E 29 20.48 -15.98 40.62
C GLU E 29 21.34 -15.30 39.56
N HIS E 30 21.73 -14.05 39.84
CA HIS E 30 22.74 -13.29 39.08
C HIS E 30 22.41 -13.20 37.60
N SER E 31 21.17 -12.89 37.29
CA SER E 31 20.66 -12.97 35.94
C SER E 31 20.06 -11.63 35.55
N ASP E 32 20.19 -11.27 34.28
CA ASP E 32 19.26 -10.34 33.67
C ASP E 32 18.46 -11.08 32.60
N LEU E 33 17.17 -11.17 32.84
CA LEU E 33 16.25 -11.58 31.80
C LEU E 33 15.38 -10.39 31.45
N SER E 34 15.16 -10.17 30.18
CA SER E 34 14.20 -9.18 29.73
C SER E 34 13.28 -9.85 28.73
N PHE E 35 12.01 -9.46 28.74
CA PHE E 35 11.11 -9.93 27.71
C PHE E 35 11.39 -9.23 26.40
N SER E 36 11.87 -7.99 26.45
CA SER E 36 12.05 -7.26 25.21
C SER E 36 13.22 -6.32 25.34
N LYS E 37 14.14 -6.39 24.38
CA LYS E 37 15.04 -5.27 24.18
C LYS E 37 14.38 -4.21 23.30
N ASP E 38 14.15 -4.54 22.03
CA ASP E 38 13.21 -3.75 21.23
C ASP E 38 12.03 -4.63 20.83
N TRP E 39 10.84 -4.23 21.26
CA TRP E 39 9.61 -4.82 20.75
C TRP E 39 8.85 -3.77 19.96
N SER E 40 8.28 -4.19 18.83
CA SER E 40 7.35 -3.37 18.06
C SER E 40 5.99 -4.05 18.04
N PHE E 41 4.94 -3.31 18.38
CA PHE E 41 3.57 -3.75 18.12
C PHE E 41 2.84 -2.63 17.41
N TYR E 42 2.11 -2.97 16.36
CA TYR E 42 1.28 -2.00 15.60
C TYR E 42 0.02 -2.75 15.13
N LEU E 43 -1.16 -2.44 15.65
CA LEU E 43 -2.32 -3.22 15.24
C LEU E 43 -2.86 -2.75 13.90
N LEU E 44 -3.14 -1.45 13.74
CA LEU E 44 -3.49 -0.96 12.41
C LEU E 44 -2.68 0.30 12.12
N TYR E 45 -1.81 0.21 11.11
CA TYR E 45 -0.95 1.35 10.72
C TYR E 45 -1.45 1.92 9.39
N TYR E 46 -1.83 3.19 9.40
CA TYR E 46 -2.31 3.82 8.14
C TYR E 46 -3.30 2.85 7.54
N THR E 47 -4.49 2.72 8.10
CA THR E 47 -5.38 1.72 7.53
C THR E 47 -6.78 2.26 7.37
N GLU E 48 -7.46 1.75 6.35
CA GLU E 48 -8.88 1.91 6.19
C GLU E 48 -9.58 0.56 6.36
N PHE E 49 -10.62 0.55 7.19
CA PHE E 49 -11.58 -0.53 7.17
C PHE E 49 -12.65 -0.22 6.14
N THR E 50 -13.34 -1.27 5.72
CA THR E 50 -14.58 -1.23 4.97
C THR E 50 -15.55 -2.14 5.74
N PRO E 51 -16.91 -1.88 5.69
CA PRO E 51 -17.86 -2.61 6.56
C PRO E 51 -17.79 -4.12 6.66
N THR E 52 -18.30 -4.63 7.77
CA THR E 52 -18.64 -6.03 7.91
C THR E 52 -20.15 -6.13 7.84
N GLU E 53 -20.63 -6.92 6.90
CA GLU E 53 -22.05 -6.95 6.60
C GLU E 53 -22.76 -7.86 7.57
N LYS E 54 -24.09 -7.83 7.49
CA LYS E 54 -24.98 -8.18 8.59
C LYS E 54 -24.83 -9.64 9.01
N ASP E 55 -24.90 -9.85 10.32
CA ASP E 55 -24.61 -11.15 10.92
C ASP E 55 -25.84 -11.55 11.72
N GLU E 56 -26.54 -12.57 11.25
CA GLU E 56 -27.88 -12.81 11.73
C GLU E 56 -27.99 -14.17 12.37
N TYR E 57 -28.89 -14.25 13.35
CA TYR E 57 -29.26 -15.49 14.00
C TYR E 57 -30.78 -15.51 14.02
N ALA E 58 -31.37 -16.62 13.60
CA ALA E 58 -32.80 -16.83 13.79
C ALA E 58 -33.01 -18.21 14.38
N CYS E 59 -33.63 -18.26 15.54
CA CYS E 59 -34.04 -19.52 16.14
C CYS E 59 -35.55 -19.51 16.36
N ARG E 60 -36.18 -20.65 16.14
CA ARG E 60 -37.53 -20.85 16.65
C ARG E 60 -37.58 -22.21 17.32
N VAL E 61 -38.15 -22.25 18.51
CA VAL E 61 -38.44 -23.50 19.20
C VAL E 61 -39.94 -23.50 19.49
N ASN E 62 -40.63 -24.56 19.06
CA ASN E 62 -42.03 -24.69 19.40
C ASN E 62 -42.29 -26.06 20.02
N HIS E 63 -43.16 -26.07 21.03
CA HIS E 63 -43.79 -27.25 21.60
C HIS E 63 -42.76 -28.25 22.15
N VAL E 64 -42.11 -27.84 23.22
CA VAL E 64 -41.25 -28.75 23.96
C VAL E 64 -41.85 -29.03 25.34
N PHE F 1 -30.53 -34.82 27.16
CA PHE F 1 -30.14 -34.52 25.78
C PHE F 1 -29.91 -33.03 25.62
N LEU F 2 -29.83 -32.57 24.38
CA LEU F 2 -29.72 -31.16 24.01
C LEU F 2 -29.96 -31.02 22.52
N ASN F 3 -30.71 -30.00 22.14
CA ASN F 3 -31.07 -29.81 20.75
C ASN F 3 -30.68 -28.42 20.28
N CYS F 4 -30.29 -28.35 19.01
CA CYS F 4 -29.87 -27.15 18.29
C CYS F 4 -28.81 -26.38 19.10
N TYR F 5 -27.68 -27.05 19.26
CA TYR F 5 -26.60 -26.55 20.07
C TYR F 5 -25.57 -25.93 19.15
N VAL F 6 -25.04 -24.79 19.54
CA VAL F 6 -23.87 -24.22 18.90
C VAL F 6 -22.78 -24.09 19.94
N SER F 7 -21.57 -24.48 19.59
CA SER F 7 -20.40 -23.99 20.28
C SER F 7 -19.72 -23.00 19.35
N GLY F 8 -19.04 -22.02 19.93
CA GLY F 8 -18.67 -20.77 19.27
C GLY F 8 -17.95 -20.82 17.94
N PHE F 9 -18.64 -20.41 16.88
CA PHE F 9 -18.10 -20.49 15.54
C PHE F 9 -17.67 -19.11 15.09
N HIS F 10 -16.46 -19.01 14.55
CA HIS F 10 -15.98 -17.74 14.03
C HIS F 10 -16.22 -17.68 12.53
N PRO F 11 -17.12 -16.83 12.03
CA PRO F 11 -17.01 -16.39 10.64
C PRO F 11 -16.10 -15.19 10.49
N SER F 12 -15.36 -15.16 9.38
CA SER F 12 -14.74 -13.95 8.82
C SER F 12 -13.69 -13.33 9.74
N ASP F 13 -13.10 -14.11 10.63
CA ASP F 13 -12.16 -13.59 11.61
C ASP F 13 -10.73 -13.81 11.18
N ILE F 14 -9.82 -13.16 11.89
CA ILE F 14 -8.42 -13.54 11.92
C ILE F 14 -8.02 -13.61 13.38
N GLU F 15 -7.43 -14.73 13.78
CA GLU F 15 -6.99 -14.94 15.14
C GLU F 15 -5.48 -15.01 15.18
N VAL F 16 -4.88 -14.35 16.17
CA VAL F 16 -3.44 -14.37 16.36
C VAL F 16 -3.16 -14.88 17.77
N ASP F 17 -2.29 -15.87 17.89
CA ASP F 17 -1.99 -16.48 19.16
C ASP F 17 -0.48 -16.52 19.37
N LEU F 18 -0.04 -16.11 20.54
CA LEU F 18 1.37 -15.88 20.82
C LEU F 18 1.61 -16.08 22.30
N LEU F 19 2.44 -17.08 22.64
CA LEU F 19 2.80 -17.41 24.02
C LEU F 19 1.56 -17.66 24.86
N LYS F 20 0.71 -18.54 24.37
CA LYS F 20 -0.62 -18.71 24.95
C LYS F 20 -0.56 -19.33 26.33
N ASN F 21 0.27 -20.35 26.53
CA ASN F 21 0.16 -21.16 27.74
C ASN F 21 1.08 -20.79 28.88
N GLY F 22 1.85 -19.71 28.81
CA GLY F 22 2.40 -19.24 30.07
C GLY F 22 3.78 -19.76 30.37
N GLU F 23 4.78 -19.02 29.91
CA GLU F 23 6.15 -19.54 29.92
C GLU F 23 6.69 -19.47 31.34
N ARG F 24 7.57 -20.41 31.66
CA ARG F 24 8.04 -20.62 33.02
C ARG F 24 9.56 -20.74 33.04
N ILE F 25 10.18 -20.03 33.97
CA ILE F 25 11.61 -20.12 34.19
C ILE F 25 11.83 -20.61 35.62
N GLU F 26 12.65 -21.65 35.78
CA GLU F 26 13.02 -22.14 37.11
C GLU F 26 14.50 -22.46 37.16
N LYS F 27 15.14 -22.10 38.28
CA LYS F 27 16.50 -22.52 38.66
C LYS F 27 17.55 -22.21 37.59
N VAL F 28 17.77 -20.92 37.33
CA VAL F 28 18.82 -20.55 36.40
C VAL F 28 19.86 -19.70 37.12
N GLU F 29 21.11 -19.80 36.68
CA GLU F 29 22.20 -19.04 37.29
C GLU F 29 23.04 -18.35 36.22
N HIS F 30 23.44 -17.11 36.50
CA HIS F 30 24.41 -16.34 35.73
C HIS F 30 24.09 -16.27 34.24
N SER F 31 22.84 -15.96 33.94
CA SER F 31 22.31 -16.05 32.59
C SER F 31 21.70 -14.72 32.20
N ASP F 32 21.81 -14.37 30.94
CA ASP F 32 20.86 -13.44 30.32
C ASP F 32 20.07 -14.19 29.27
N LEU F 33 18.77 -14.29 29.52
CA LEU F 33 17.85 -14.72 28.49
C LEU F 33 16.97 -13.54 28.15
N SER F 34 16.74 -13.32 26.87
CA SER F 34 15.76 -12.34 26.43
C SER F 34 14.84 -13.03 25.44
N PHE F 35 13.57 -12.66 25.47
CA PHE F 35 12.66 -13.14 24.45
C PHE F 35 12.92 -12.44 23.12
N SER F 36 13.38 -11.20 23.18
CA SER F 36 13.55 -10.47 21.92
C SER F 36 14.72 -9.51 22.03
N LYS F 37 15.62 -9.60 21.06
CA LYS F 37 16.52 -8.46 20.85
C LYS F 37 15.84 -7.42 19.97
N ASP F 38 15.59 -7.75 18.71
CA ASP F 38 14.65 -6.97 17.92
C ASP F 38 13.46 -7.85 17.54
N TRP F 39 12.28 -7.47 17.97
CA TRP F 39 11.04 -8.06 17.48
C TRP F 39 10.26 -7.03 16.69
N SER F 40 9.69 -7.46 15.57
CA SER F 40 8.76 -6.65 14.81
C SER F 40 7.40 -7.34 14.80
N PHE F 41 6.34 -6.61 15.14
CA PHE F 41 4.98 -7.08 14.90
C PHE F 41 4.23 -5.96 14.20
N TYR F 42 3.49 -6.31 13.15
CA TYR F 42 2.64 -5.35 12.39
C TYR F 42 1.39 -6.11 11.95
N LEU F 43 0.21 -5.81 12.48
CA LEU F 43 -0.95 -6.60 12.09
C LEU F 43 -1.52 -6.14 10.74
N LEU F 44 -1.80 -4.85 10.58
CA LEU F 44 -2.16 -4.36 9.25
C LEU F 44 -1.37 -3.10 8.93
N TYR F 45 -0.51 -3.19 7.94
CA TYR F 45 0.35 -2.05 7.53
C TYR F 45 -0.18 -1.48 6.21
N TYR F 46 -0.58 -0.22 6.20
CA TYR F 46 -1.06 0.40 4.95
C TYR F 46 -2.06 -0.58 4.35
N THR F 47 -3.25 -0.72 4.93
CA THR F 47 -4.13 -1.72 4.37
C THR F 47 -5.53 -1.20 4.22
N GLU F 48 -6.21 -1.72 3.21
CA GLU F 48 -7.65 -1.58 3.07
C GLU F 48 -8.33 -2.92 3.25
N PHE F 49 -9.36 -2.94 4.10
CA PHE F 49 -10.31 -4.04 4.08
C PHE F 49 -11.39 -3.74 3.06
N THR F 50 -12.08 -4.80 2.66
CA THR F 50 -13.33 -4.77 1.92
C THR F 50 -14.28 -5.68 2.70
N PRO F 51 -15.65 -5.44 2.67
CA PRO F 51 -16.58 -6.17 3.55
C PRO F 51 -16.50 -7.68 3.65
N THR F 52 -16.99 -8.18 4.76
CA THR F 52 -17.31 -9.59 4.92
C THR F 52 -18.82 -9.71 4.86
N GLU F 53 -19.31 -10.50 3.93
CA GLU F 53 -20.72 -10.54 3.64
C GLU F 53 -21.43 -11.46 4.63
N LYS F 54 -22.76 -11.44 4.56
CA LYS F 54 -23.62 -11.79 5.67
C LYS F 54 -23.45 -13.24 6.10
N ASP F 55 -23.52 -13.45 7.41
CA ASP F 55 -23.21 -14.75 8.01
C ASP F 55 -24.43 -15.15 8.81
N GLU F 56 -25.12 -16.18 8.37
CA GLU F 56 -26.47 -16.43 8.86
C GLU F 56 -26.56 -17.79 9.51
N TYR F 57 -27.44 -17.87 10.49
CA TYR F 57 -27.80 -19.10 11.16
C TYR F 57 -29.31 -19.14 11.19
N ALA F 58 -29.90 -20.26 10.78
CA ALA F 58 -31.32 -20.48 10.99
C ALA F 58 -31.52 -21.87 11.59
N CYS F 59 -32.13 -21.91 12.76
CA CYS F 59 -32.52 -23.17 13.37
C CYS F 59 -34.02 -23.17 13.59
N ARG F 60 -34.64 -24.32 13.39
CA ARG F 60 -35.99 -24.53 13.90
C ARG F 60 -36.02 -25.89 14.59
N VAL F 61 -36.58 -25.93 15.79
CA VAL F 61 -36.86 -27.17 16.50
C VAL F 61 -38.35 -27.19 16.78
N ASN F 62 -39.03 -28.25 16.38
CA ASN F 62 -40.43 -28.40 16.73
C ASN F 62 -40.67 -29.75 17.36
N HIS F 63 -41.53 -29.77 18.38
CA HIS F 63 -42.15 -30.96 18.95
C HIS F 63 -41.12 -31.95 19.50
N VAL F 64 -40.44 -31.52 20.56
CA VAL F 64 -39.58 -32.43 21.30
C VAL F 64 -40.16 -32.69 22.68
N PHE G 1 -28.79 -38.37 24.38
CA PHE G 1 -28.41 -38.08 23.01
C PHE G 1 -28.20 -36.59 22.84
N LEU G 2 -28.14 -36.13 21.59
CA LEU G 2 -28.04 -34.72 21.22
C LEU G 2 -28.30 -34.59 19.73
N ASN G 3 -29.06 -33.57 19.35
CA ASN G 3 -29.42 -33.39 17.95
C ASN G 3 -29.05 -32.01 17.47
N CYS G 4 -28.68 -31.94 16.21
CA CYS G 4 -28.27 -30.73 15.48
C CYS G 4 -27.21 -29.95 16.28
N TYR G 5 -26.08 -30.61 16.42
CA TYR G 5 -24.98 -30.10 17.23
C TYR G 5 -23.98 -29.48 16.29
N VAL G 6 -23.45 -28.33 16.68
CA VAL G 6 -22.30 -27.75 16.02
C VAL G 6 -21.19 -27.61 17.05
N SER G 7 -19.99 -28.00 16.69
CA SER G 7 -18.81 -27.49 17.37
C SER G 7 -18.15 -26.50 16.42
N GLY G 8 -17.46 -25.51 16.99
CA GLY G 8 -17.13 -24.26 16.33
C GLY G 8 -16.41 -24.31 15.00
N PHE G 9 -17.11 -23.92 13.94
CA PHE G 9 -16.59 -24.00 12.59
C PHE G 9 -16.17 -22.60 12.13
N HIS G 10 -14.97 -22.50 11.58
CA HIS G 10 -14.49 -21.23 11.05
C HIS G 10 -14.75 -21.18 9.55
N PRO G 11 -15.67 -20.35 9.05
CA PRO G 11 -15.57 -19.91 7.66
C PRO G 11 -14.67 -18.70 7.50
N SER G 12 -13.95 -18.67 6.38
CA SER G 12 -13.34 -17.46 5.82
C SER G 12 -12.29 -16.83 6.71
N ASP G 13 -11.69 -17.59 7.60
CA ASP G 13 -10.74 -17.05 8.57
C ASP G 13 -9.31 -17.28 8.13
N ILE G 14 -8.40 -16.61 8.83
CA ILE G 14 -7.00 -16.98 8.85
C ILE G 14 -6.58 -17.04 10.31
N GLU G 15 -5.98 -18.15 10.71
CA GLU G 15 -5.52 -18.35 12.08
C GLU G 15 -4.01 -18.42 12.10
N VAL G 16 -3.40 -17.75 13.07
CA VAL G 16 -1.97 -17.75 13.25
C VAL G 16 -1.68 -18.25 14.66
N ASP G 17 -0.79 -19.24 14.77
CA ASP G 17 -0.47 -19.84 16.05
C ASP G 17 1.04 -19.87 16.24
N LEU G 18 1.48 -19.44 17.41
CA LEU G 18 2.89 -19.21 17.68
C LEU G 18 3.14 -19.39 19.15
N LEU G 19 3.99 -20.38 19.49
CA LEU G 19 4.37 -20.70 20.86
C LEU G 19 3.13 -20.96 21.72
N LYS G 20 2.28 -21.86 21.23
CA LYS G 20 0.97 -22.03 21.83
C LYS G 20 1.04 -22.65 23.22
N ASN G 21 1.89 -23.66 23.41
CA ASN G 21 1.79 -24.46 24.62
C ASN G 21 2.72 -24.08 25.75
N GLY G 22 3.48 -23.00 25.67
CA GLY G 22 4.03 -22.51 26.92
C GLY G 22 5.42 -23.02 27.22
N GLU G 23 6.42 -22.28 26.74
CA GLU G 23 7.78 -22.78 26.75
C GLU G 23 8.34 -22.70 28.16
N ARG G 24 9.23 -23.64 28.47
CA ARG G 24 9.72 -23.83 29.83
C ARG G 24 11.23 -23.93 29.84
N ILE G 25 11.86 -23.23 30.76
CA ILE G 25 13.29 -23.30 30.97
C ILE G 25 13.53 -23.78 32.40
N GLU G 26 14.35 -24.81 32.56
CA GLU G 26 14.74 -25.29 33.88
C GLU G 26 16.23 -25.60 33.92
N LYS G 27 16.88 -25.23 35.04
CA LYS G 27 18.23 -25.64 35.40
C LYS G 27 19.27 -25.33 34.32
N VAL G 28 19.49 -24.04 34.05
CA VAL G 28 20.53 -23.67 33.11
C VAL G 28 21.56 -22.80 33.82
N GLU G 29 22.81 -22.88 33.37
CA GLU G 29 23.90 -22.12 33.97
C GLU G 29 24.72 -21.44 32.89
N HIS G 30 25.10 -20.18 33.15
CA HIS G 30 26.08 -19.41 32.37
C HIS G 30 25.73 -19.35 30.89
N SER G 31 24.48 -19.05 30.60
CA SER G 31 23.94 -19.16 29.26
C SER G 31 23.32 -17.83 28.87
N ASP G 32 23.42 -17.47 27.59
CA ASP G 32 22.45 -16.56 26.99
C ASP G 32 21.66 -17.33 25.94
N LEU G 33 20.37 -17.44 26.20
CA LEU G 33 19.43 -17.88 25.18
C LEU G 33 18.54 -16.70 24.85
N SER G 34 18.29 -16.49 23.57
CA SER G 34 17.31 -15.53 23.14
C SER G 34 16.38 -16.22 22.17
N PHE G 35 15.11 -15.85 22.20
CA PHE G 35 14.19 -16.36 21.19
C PHE G 35 14.45 -15.66 19.86
N SER G 36 14.89 -14.41 19.90
CA SER G 36 15.04 -13.69 18.64
C SER G 36 16.20 -12.72 18.74
N LYS G 37 17.10 -12.80 17.76
CA LYS G 37 17.98 -11.66 17.54
C LYS G 37 17.29 -10.62 16.66
N ASP G 38 17.02 -10.96 15.40
CA ASP G 38 16.07 -10.20 14.61
C ASP G 38 14.89 -11.09 14.24
N TRP G 39 13.70 -10.72 14.69
CA TRP G 39 12.47 -11.33 14.21
C TRP G 39 11.68 -10.30 13.42
N SER G 40 11.10 -10.74 12.31
CA SER G 40 10.15 -9.94 11.55
C SER G 40 8.80 -10.64 11.56
N PHE G 41 7.73 -9.92 11.91
CA PHE G 41 6.37 -10.39 11.69
C PHE G 41 5.61 -9.29 10.98
N TYR G 42 4.86 -9.65 9.94
CA TYR G 42 4.00 -8.71 9.19
C TYR G 42 2.75 -9.48 8.75
N LEU G 43 1.57 -9.17 9.30
CA LEU G 43 0.42 -9.98 8.92
C LEU G 43 -0.16 -9.53 7.58
N LEU G 44 -0.46 -8.25 7.42
CA LEU G 44 -0.84 -7.77 6.09
C LEU G 44 -0.06 -6.50 5.76
N TYR G 45 0.79 -6.59 4.76
CA TYR G 45 1.63 -5.44 4.34
C TYR G 45 1.11 -4.88 3.01
N TYR G 46 0.69 -3.63 3.00
CA TYR G 46 0.19 -3.01 1.76
C TYR G 46 -0.81 -4.01 1.17
N THR G 47 -1.99 -4.14 1.76
CA THR G 47 -2.87 -5.16 1.22
C THR G 47 -4.28 -4.64 1.08
N GLU G 48 -4.96 -5.18 0.08
CA GLU G 48 -6.40 -5.04 -0.05
C GLU G 48 -7.07 -6.40 0.14
N PHE G 49 -8.09 -6.43 0.99
CA PHE G 49 -9.04 -7.53 0.99
C PHE G 49 -10.13 -7.25 -0.02
N THR G 50 -10.81 -8.31 -0.41
CA THR G 50 -12.07 -8.29 -1.13
C THR G 50 -12.99 -9.20 -0.35
N PRO G 51 -14.37 -8.99 -0.37
CA PRO G 51 -15.28 -9.71 0.53
C PRO G 51 -15.19 -11.22 0.63
N THR G 52 -15.68 -11.73 1.75
CA THR G 52 -15.98 -13.14 1.92
C THR G 52 -17.50 -13.26 1.88
N GLU G 53 -17.98 -14.06 0.95
CA GLU G 53 -19.40 -14.12 0.68
C GLU G 53 -20.09 -15.04 1.68
N LYS G 54 -21.42 -15.03 1.61
CA LYS G 54 -22.27 -15.38 2.74
C LYS G 54 -22.08 -16.83 3.17
N ASP G 55 -22.13 -17.04 4.48
CA ASP G 55 -21.81 -18.32 5.08
C ASP G 55 -23.02 -18.73 5.90
N GLU G 56 -23.70 -19.77 5.47
CA GLU G 56 -25.04 -20.03 5.97
C GLU G 56 -25.12 -21.39 6.63
N TYR G 57 -25.99 -21.47 7.62
CA TYR G 57 -26.33 -22.71 8.29
C TYR G 57 -27.85 -22.76 8.33
N ALA G 58 -28.43 -23.89 7.94
CA ALA G 58 -29.85 -24.11 8.16
C ALA G 58 -30.03 -25.49 8.77
N CYS G 59 -30.63 -25.54 9.95
CA CYS G 59 -31.00 -26.80 10.56
C CYS G 59 -32.50 -26.81 10.81
N ARG G 60 -33.12 -27.97 10.61
CA ARG G 60 -34.45 -28.19 11.14
C ARG G 60 -34.46 -29.54 11.82
N VAL G 61 -35.01 -29.58 13.03
CA VAL G 61 -35.28 -30.82 13.75
C VAL G 61 -36.77 -30.85 14.05
N ASN G 62 -37.44 -31.92 13.65
CA ASN G 62 -38.83 -32.08 14.02
C ASN G 62 -39.06 -33.44 14.65
N HIS G 63 -39.92 -33.45 15.68
CA HIS G 63 -40.51 -34.65 16.27
C HIS G 63 -39.47 -35.63 16.81
N VAL G 64 -38.79 -35.18 17.86
CA VAL G 64 -37.91 -36.09 18.60
C VAL G 64 -38.47 -36.34 19.99
N PHE H 1 -27.05 -41.86 21.52
CA PHE H 1 -26.68 -41.56 20.16
C PHE H 1 -26.48 -40.08 19.97
N LEU H 2 -26.43 -39.62 18.72
CA LEU H 2 -26.35 -38.22 18.35
C LEU H 2 -26.61 -38.09 16.86
N ASN H 3 -27.39 -37.08 16.48
CA ASN H 3 -27.78 -36.91 15.09
C ASN H 3 -27.41 -35.52 14.61
N CYS H 4 -27.06 -35.46 13.32
CA CYS H 4 -26.65 -34.25 12.60
C CYS H 4 -25.60 -33.47 13.37
N TYR H 5 -24.45 -34.11 13.52
CA TYR H 5 -23.36 -33.59 14.31
C TYR H 5 -22.37 -32.96 13.36
N VAL H 6 -21.84 -31.81 13.74
CA VAL H 6 -20.70 -31.22 13.07
C VAL H 6 -19.59 -31.07 14.09
N SER H 7 -18.39 -31.45 13.73
CA SER H 7 -17.21 -30.93 14.39
C SER H 7 -16.57 -29.94 13.43
N GLY H 8 -15.88 -28.95 13.99
CA GLY H 8 -15.56 -27.69 13.33
C GLY H 8 -14.85 -27.74 11.99
N PHE H 9 -15.57 -27.35 10.93
CA PHE H 9 -15.05 -27.43 9.58
C PHE H 9 -14.65 -26.05 9.11
N HIS H 10 -13.45 -25.93 8.55
CA HIS H 10 -12.99 -24.67 8.01
C HIS H 10 -13.27 -24.62 6.52
N PRO H 11 -14.19 -23.80 6.02
CA PRO H 11 -14.12 -23.37 4.62
C PRO H 11 -13.22 -22.15 4.45
N SER H 12 -12.50 -22.12 3.33
CA SER H 12 -11.92 -20.90 2.75
C SER H 12 -10.86 -20.26 3.63
N ASP H 13 -10.24 -21.02 4.53
CA ASP H 13 -9.30 -20.47 5.48
C ASP H 13 -7.86 -20.68 5.03
N ILE H 14 -6.95 -20.01 5.73
CA ILE H 14 -5.54 -20.36 5.74
C ILE H 14 -5.11 -20.42 7.19
N GLU H 15 -4.51 -21.53 7.59
CA GLU H 15 -4.04 -21.71 8.94
C GLU H 15 -2.52 -21.77 8.95
N VAL H 16 -1.92 -21.09 9.92
CA VAL H 16 -0.47 -21.08 10.09
C VAL H 16 -0.17 -21.57 11.50
N ASP H 17 0.72 -22.54 11.61
CA ASP H 17 1.05 -23.14 12.89
C ASP H 17 2.57 -23.16 13.06
N LEU H 18 3.02 -22.73 14.22
CA LEU H 18 4.43 -22.48 14.48
C LEU H 18 4.70 -22.65 15.96
N LEU H 19 5.55 -23.63 16.29
CA LEU H 19 5.95 -23.95 17.66
C LEU H 19 4.72 -24.21 18.53
N LYS H 20 3.87 -25.12 18.06
CA LYS H 20 2.56 -25.30 18.67
C LYS H 20 2.66 -25.92 20.06
N ASN H 21 3.51 -26.91 20.24
CA ASN H 21 3.42 -27.71 21.45
C ASN H 21 4.36 -27.32 22.58
N GLY H 22 5.11 -26.23 22.49
CA GLY H 22 5.67 -25.73 23.73
C GLY H 22 7.07 -26.24 24.02
N GLU H 23 8.05 -25.49 23.52
CA GLU H 23 9.43 -25.97 23.52
C GLU H 23 9.98 -25.89 24.94
N ARG H 24 10.89 -26.81 25.24
CA ARG H 24 11.39 -27.00 26.60
C ARG H 24 12.90 -27.09 26.59
N ILE H 25 13.54 -26.38 27.50
CA ILE H 25 14.97 -26.43 27.71
C ILE H 25 15.22 -26.91 29.13
N GLU H 26 16.05 -27.94 29.29
CA GLU H 26 16.46 -28.41 30.61
C GLU H 26 17.95 -28.70 30.63
N LYS H 27 18.60 -28.32 31.74
CA LYS H 27 19.97 -28.72 32.10
C LYS H 27 21.00 -28.40 31.02
N VAL H 28 21.19 -27.11 30.74
CA VAL H 28 22.22 -26.73 29.78
C VAL H 28 23.26 -25.86 30.49
N GLU H 29 24.50 -25.94 30.02
CA GLU H 29 25.60 -25.16 30.61
C GLU H 29 26.41 -24.48 29.51
N HIS H 30 26.78 -23.22 29.77
CA HIS H 30 27.74 -22.44 28.98
C HIS H 30 27.38 -22.39 27.51
N SER H 31 26.12 -22.10 27.23
CA SER H 31 25.57 -22.21 25.88
C SER H 31 24.94 -20.89 25.50
N ASP H 32 25.02 -20.54 24.21
CA ASP H 32 24.04 -19.65 23.62
C ASP H 32 23.24 -20.41 22.58
N LEU H 33 21.96 -20.54 22.86
CA LEU H 33 21.02 -21.00 21.85
C LEU H 33 20.12 -19.82 21.52
N SER H 34 19.86 -19.62 20.24
CA SER H 34 18.86 -18.66 19.81
C SER H 34 17.94 -19.37 18.84
N PHE H 35 16.66 -19.02 18.88
CA PHE H 35 15.74 -19.52 17.88
C PHE H 35 15.97 -18.83 16.55
N SER H 36 16.40 -17.59 16.58
CA SER H 36 16.55 -16.87 15.32
C SER H 36 17.70 -15.88 15.40
N LYS H 37 18.58 -15.95 14.42
CA LYS H 37 19.45 -14.81 14.18
C LYS H 37 18.74 -13.79 13.31
N ASP H 38 18.48 -14.13 12.05
CA ASP H 38 17.51 -13.38 11.27
C ASP H 38 16.34 -14.29 10.92
N TRP H 39 15.15 -13.91 11.37
CA TRP H 39 13.92 -14.54 10.90
C TRP H 39 13.11 -13.52 10.12
N SER H 40 12.52 -13.97 9.01
CA SER H 40 11.55 -13.18 8.25
C SER H 40 10.22 -13.89 8.29
N PHE H 41 9.15 -13.17 8.64
CA PHE H 41 7.79 -13.66 8.42
C PHE H 41 7.01 -12.56 7.73
N TYR H 42 6.26 -12.94 6.69
CA TYR H 42 5.38 -12.01 5.94
C TYR H 42 4.14 -12.80 5.53
N LEU H 43 2.97 -12.49 6.07
CA LEU H 43 1.82 -13.31 5.71
C LEU H 43 1.22 -12.87 4.37
N LEU H 44 0.91 -11.59 4.20
CA LEU H 44 0.51 -11.12 2.88
C LEU H 44 1.28 -9.84 2.54
N TYR H 45 2.13 -9.94 1.53
CA TYR H 45 2.96 -8.78 1.11
C TYR H 45 2.40 -8.23 -0.22
N TYR H 46 1.99 -6.98 -0.23
CA TYR H 46 1.46 -6.36 -1.48
C TYR H 46 0.47 -7.38 -2.05
N THR H 47 -0.71 -7.52 -1.45
CA THR H 47 -1.58 -8.55 -1.99
C THR H 47 -3.00 -8.04 -2.12
N GLU H 48 -3.68 -8.59 -3.11
CA GLU H 48 -5.12 -8.47 -3.23
C GLU H 48 -5.78 -9.82 -3.02
N PHE H 49 -6.80 -9.85 -2.17
CA PHE H 49 -7.73 -10.95 -2.15
C PHE H 49 -8.83 -10.70 -3.15
N THR H 50 -9.51 -11.77 -3.53
CA THR H 50 -10.77 -11.76 -4.25
C THR H 50 -11.68 -12.68 -3.45
N PRO H 51 -13.06 -12.46 -3.47
CA PRO H 51 -13.96 -13.20 -2.56
C PRO H 51 -13.86 -14.70 -2.44
N THR H 52 -14.33 -15.21 -1.32
CA THR H 52 -14.63 -16.62 -1.14
C THR H 52 -16.14 -16.76 -1.17
N GLU H 53 -16.62 -17.57 -2.08
CA GLU H 53 -18.04 -17.63 -2.35
C GLU H 53 -18.72 -18.55 -1.35
N LYS H 54 -20.04 -18.55 -1.40
CA LYS H 54 -20.89 -18.91 -0.26
C LYS H 54 -20.69 -20.35 0.18
N ASP H 55 -20.71 -20.56 1.49
CA ASP H 55 -20.39 -21.84 2.09
C ASP H 55 -21.58 -22.25 2.92
N GLU H 56 -22.27 -23.30 2.50
CA GLU H 56 -23.59 -23.56 3.01
C GLU H 56 -23.66 -24.92 3.68
N TYR H 57 -24.52 -25.01 4.68
CA TYR H 57 -24.84 -26.25 5.35
C TYR H 57 -26.35 -26.31 5.40
N ALA H 58 -26.93 -27.44 5.02
CA ALA H 58 -28.35 -27.68 5.26
C ALA H 58 -28.51 -29.05 5.88
N CYS H 59 -29.10 -29.10 7.06
CA CYS H 59 -29.46 -30.36 7.68
C CYS H 59 -30.96 -30.39 7.94
N ARG H 60 -31.57 -31.55 7.75
CA ARG H 60 -32.89 -31.78 8.30
C ARG H 60 -32.89 -33.13 8.98
N VAL H 61 -33.44 -33.16 10.19
CA VAL H 61 -33.69 -34.40 10.92
C VAL H 61 -35.17 -34.44 11.24
N ASN H 62 -35.84 -35.52 10.85
CA ASN H 62 -37.23 -35.69 11.22
C ASN H 62 -37.43 -37.05 11.87
N HIS H 63 -38.29 -37.06 12.90
CA HIS H 63 -38.88 -38.26 13.51
C HIS H 63 -37.81 -39.22 14.03
N VAL H 64 -37.13 -38.78 15.08
CA VAL H 64 -36.23 -39.66 15.81
C VAL H 64 -36.78 -39.93 17.22
#